data_6BTG
#
_entry.id   6BTG
#
_cell.length_a   105.104
_cell.length_b   105.104
_cell.length_c   49.366
_cell.angle_alpha   90.00
_cell.angle_beta   90.00
_cell.angle_gamma   90.00
#
_symmetry.space_group_name_H-M   'P 4 21 2'
#
loop_
_entity.id
_entity.type
_entity.pdbx_description
1 polymer 'Fuculose phosphate aldolase'
2 non-polymer 'MANGANESE (II) ION'
3 non-polymer 1,3-DIHYDROXYACETONEPHOSPHATE
4 water water
#
_entity_poly.entity_id   1
_entity_poly.type   'polypeptide(L)'
_entity_poly.pdbx_seq_one_letter_code
;MLLQKEREEIVAYGKKMISSGLTKGTGGNISIFNREQGLVAISPSGLEYYETKPEDVVILNLDGEVIEGERKPSSELDMH
LIYYRKREDINALVHTHSPYAKTIASLGWELPAVSYLIAFAGPNVRCAPYETFGTKQLADAAFEGMIDRRAVLLANHGLI
AGANNIKMAFTVAEEIEFCAQIYYQTKSIGEPKLLPEDEMENLAKKFEGYGQQYLEHHHHHH
;
_entity_poly.pdbx_strand_id   A
#
# COMPACT_ATOMS: atom_id res chain seq x y z
N MET A 1 3.70 22.10 -13.85
CA MET A 1 4.42 21.37 -12.81
C MET A 1 4.95 20.04 -13.33
N LEU A 2 5.95 19.51 -12.63
CA LEU A 2 6.47 18.18 -12.94
C LEU A 2 5.47 17.11 -12.52
N LEU A 3 5.41 16.02 -13.28
CA LEU A 3 4.58 14.85 -12.98
C LEU A 3 3.11 15.25 -12.73
N GLN A 4 2.58 16.10 -13.63
CA GLN A 4 1.23 16.63 -13.47
C GLN A 4 0.17 15.53 -13.44
N LYS A 5 0.29 14.57 -14.36
CA LYS A 5 -0.64 13.45 -14.40
C LYS A 5 -0.63 12.70 -13.07
N GLU A 6 0.57 12.43 -12.57
CA GLU A 6 0.74 11.71 -11.31
C GLU A 6 0.14 12.49 -10.14
N ARG A 7 0.39 13.80 -10.12
CA ARG A 7 -0.10 14.68 -9.05
C ARG A 7 -1.61 14.63 -8.92
N GLU A 8 -2.29 14.69 -10.06
CA GLU A 8 -3.74 14.66 -10.10
C GLU A 8 -4.27 13.31 -9.63
N GLU A 9 -3.58 12.25 -10.06
CA GLU A 9 -3.95 10.88 -9.66
C GLU A 9 -3.81 10.69 -8.15
N ILE A 10 -2.77 11.25 -7.57
CA ILE A 10 -2.57 11.13 -6.13
C ILE A 10 -3.68 11.85 -5.36
N VAL A 11 -4.10 13.01 -5.85
CA VAL A 11 -5.19 13.72 -5.20
C VAL A 11 -6.49 12.93 -5.32
N ALA A 12 -6.74 12.38 -6.50
CA ALA A 12 -7.96 11.63 -6.75
C ALA A 12 -8.05 10.36 -5.91
N TYR A 13 -6.96 9.61 -5.85
CA TYR A 13 -6.98 8.31 -5.16
C TYR A 13 -6.91 8.49 -3.64
N GLY A 14 -6.37 9.63 -3.21
CA GLY A 14 -6.31 9.94 -1.79
C GLY A 14 -7.69 10.19 -1.22
N LYS A 15 -8.52 10.89 -2.00
CA LYS A 15 -9.90 11.12 -1.62
C LYS A 15 -10.63 9.78 -1.59
N LYS A 16 -10.29 8.92 -2.55
CA LYS A 16 -10.89 7.61 -2.68
C LYS A 16 -10.53 6.73 -1.48
N MET A 17 -9.34 6.93 -0.91
CA MET A 17 -8.96 6.23 0.31
C MET A 17 -9.92 6.57 1.46
N ILE A 18 -10.12 7.87 1.71
CA ILE A 18 -11.07 8.35 2.72
C ILE A 18 -12.46 7.85 2.42
N SER A 19 -12.89 8.05 1.17
CA SER A 19 -14.22 7.68 0.72
C SER A 19 -14.54 6.20 0.90
N SER A 20 -13.55 5.35 0.62
CA SER A 20 -13.73 3.90 0.64
C SER A 20 -13.59 3.29 2.03
N GLY A 21 -13.30 4.12 3.02
CA GLY A 21 -13.10 3.64 4.37
C GLY A 21 -11.74 2.99 4.59
N LEU A 22 -10.80 3.23 3.69
CA LEU A 22 -9.49 2.61 3.80
C LEU A 22 -8.55 3.41 4.71
N THR A 23 -8.97 4.59 5.17
CA THR A 23 -8.17 5.32 6.16
C THR A 23 -8.99 6.27 7.01
N LYS A 24 -8.39 6.73 8.12
CA LYS A 24 -9.00 7.71 9.01
C LYS A 24 -8.13 8.96 9.09
N GLY A 25 -8.76 10.14 9.06
CA GLY A 25 -8.03 11.38 9.22
C GLY A 25 -7.02 11.58 8.10
N THR A 26 -5.79 11.90 8.47
CA THR A 26 -4.72 12.08 7.50
C THR A 26 -3.77 10.88 7.47
N GLY A 27 -4.19 9.76 8.06
CA GLY A 27 -3.38 8.57 8.05
C GLY A 27 -3.25 7.99 6.65
N GLY A 28 -2.20 7.20 6.43
CA GLY A 28 -1.98 6.58 5.13
C GLY A 28 -1.29 7.54 4.18
N ASN A 29 -0.92 7.05 3.01
CA ASN A 29 -0.22 7.85 2.01
C ASN A 29 -0.08 7.10 0.69
N ILE A 30 0.12 7.85 -0.38
CA ILE A 30 0.14 7.30 -1.73
C ILE A 30 1.34 7.82 -2.50
N SER A 31 1.98 6.99 -3.31
CA SER A 31 3.04 7.46 -4.21
C SER A 31 2.91 6.87 -5.62
N ILE A 32 3.44 7.60 -6.61
CA ILE A 32 3.46 7.11 -7.98
C ILE A 32 4.83 7.44 -8.56
N PHE A 33 5.45 6.44 -9.18
CA PHE A 33 6.80 6.53 -9.73
C PHE A 33 6.75 6.83 -11.22
N ASN A 34 7.48 7.85 -11.65
CA ASN A 34 7.71 8.11 -13.07
C ASN A 34 9.05 7.51 -13.43
N ARG A 35 9.01 6.36 -14.08
CA ARG A 35 10.21 5.57 -14.25
C ARG A 35 11.14 6.24 -15.27
N GLU A 36 10.55 6.93 -16.24
CA GLU A 36 11.34 7.61 -17.28
C GLU A 36 12.23 8.69 -16.69
N GLN A 37 11.72 9.44 -15.70
CA GLN A 37 12.48 10.54 -15.10
C GLN A 37 13.16 10.18 -13.80
N GLY A 38 12.79 9.05 -13.22
CA GLY A 38 13.32 8.66 -11.93
C GLY A 38 12.78 9.56 -10.83
N LEU A 39 11.55 10.03 -11.02
CA LEU A 39 10.92 10.93 -10.06
C LEU A 39 9.72 10.26 -9.41
N VAL A 40 9.52 10.54 -8.12
CA VAL A 40 8.40 10.00 -7.35
C VAL A 40 7.44 11.10 -6.89
N ALA A 41 6.17 10.99 -7.25
CA ALA A 41 5.14 11.87 -6.67
C ALA A 41 4.62 11.22 -5.40
N ILE A 42 4.47 12.00 -4.31
CA ILE A 42 3.97 11.40 -3.07
C ILE A 42 3.03 12.37 -2.35
N SER A 43 2.04 11.83 -1.65
CA SER A 43 1.13 12.67 -0.88
C SER A 43 1.88 13.47 0.19
N PRO A 44 1.39 14.69 0.49
CA PRO A 44 2.02 15.51 1.53
C PRO A 44 1.66 15.02 2.93
N SER A 45 2.54 15.25 3.89
CA SER A 45 2.35 14.79 5.27
C SER A 45 1.27 15.57 5.99
N GLY A 46 0.38 14.85 6.68
CA GLY A 46 -0.57 15.48 7.58
C GLY A 46 -1.65 16.38 7.00
N LEU A 47 -1.89 16.28 5.69
CA LEU A 47 -2.95 17.10 5.07
C LEU A 47 -4.23 16.30 4.83
N GLU A 48 -5.36 16.96 5.00
CA GLU A 48 -6.65 16.36 4.72
C GLU A 48 -6.79 16.07 3.23
N TYR A 49 -7.24 14.86 2.91
CA TYR A 49 -7.28 14.42 1.53
C TYR A 49 -8.24 15.23 0.65
N TYR A 50 -9.33 15.72 1.22
CA TYR A 50 -10.25 16.51 0.41
C TYR A 50 -9.81 17.98 0.33
N GLU A 51 -8.79 18.34 1.09
CA GLU A 51 -8.21 19.67 1.04
C GLU A 51 -6.92 19.70 0.22
N THR A 52 -6.49 18.53 -0.26
CA THR A 52 -5.22 18.42 -0.98
C THR A 52 -5.38 18.70 -2.48
N LYS A 53 -4.57 19.64 -2.96
CA LYS A 53 -4.57 19.99 -4.38
C LYS A 53 -3.28 19.46 -5.03
N PRO A 54 -3.28 19.29 -6.36
CA PRO A 54 -2.10 18.77 -7.08
C PRO A 54 -0.80 19.49 -6.72
N GLU A 55 -0.85 20.79 -6.47
CA GLU A 55 0.33 21.54 -6.09
C GLU A 55 0.89 21.11 -4.73
N ASP A 56 0.03 20.50 -3.90
CA ASP A 56 0.44 20.06 -2.56
C ASP A 56 1.21 18.74 -2.62
N VAL A 57 1.01 17.98 -3.68
CA VAL A 57 1.78 16.75 -3.87
C VAL A 57 3.27 17.12 -4.02
N VAL A 58 4.15 16.30 -3.44
CA VAL A 58 5.59 16.57 -3.44
C VAL A 58 6.31 15.65 -4.44
N ILE A 59 7.28 16.20 -5.18
CA ILE A 59 8.06 15.40 -6.12
C ILE A 59 9.47 15.17 -5.56
N LEU A 60 9.85 13.90 -5.43
CA LEU A 60 11.15 13.54 -4.87
C LEU A 60 11.99 12.81 -5.92
N ASN A 61 13.30 12.80 -5.76
CA ASN A 61 14.11 11.87 -6.53
C ASN A 61 14.35 10.62 -5.69
N LEU A 62 15.05 9.63 -6.23
CA LEU A 62 15.18 8.35 -5.54
C LEU A 62 16.16 8.41 -4.39
N ASP A 63 16.84 9.55 -4.23
CA ASP A 63 17.67 9.78 -3.06
C ASP A 63 16.84 10.36 -1.92
N GLY A 64 15.59 10.70 -2.21
CA GLY A 64 14.69 11.22 -1.19
C GLY A 64 14.74 12.73 -1.05
N GLU A 65 15.42 13.39 -1.98
CA GLU A 65 15.50 14.85 -1.98
C GLU A 65 14.30 15.46 -2.68
N VAL A 66 13.77 16.55 -2.13
CA VAL A 66 12.64 17.24 -2.74
C VAL A 66 13.06 17.98 -4.00
N ILE A 67 12.34 17.75 -5.10
CA ILE A 67 12.67 18.38 -6.37
C ILE A 67 11.68 19.49 -6.73
N GLU A 68 10.43 19.28 -6.37
CA GLU A 68 9.40 20.29 -6.57
C GLU A 68 8.34 20.13 -5.48
N GLY A 69 7.87 21.24 -4.93
CA GLY A 69 6.87 21.24 -3.88
C GLY A 69 7.36 21.89 -2.60
N GLU A 70 6.49 22.62 -1.90
CA GLU A 70 6.90 23.28 -0.67
C GLU A 70 6.36 22.58 0.58
N ARG A 71 5.37 21.71 0.39
CA ARG A 71 4.85 20.91 1.48
C ARG A 71 5.90 19.89 1.95
N LYS A 72 5.80 19.50 3.22
CA LYS A 72 6.60 18.39 3.72
C LYS A 72 6.05 17.10 3.11
N PRO A 73 6.92 16.24 2.56
CA PRO A 73 6.43 14.97 2.02
C PRO A 73 5.97 14.01 3.13
N SER A 74 5.15 13.03 2.80
CA SER A 74 4.73 12.00 3.76
C SER A 74 5.86 11.54 4.67
N SER A 75 5.55 11.40 5.96
CA SER A 75 6.55 10.90 6.91
C SER A 75 6.97 9.45 6.61
N GLU A 76 6.20 8.80 5.76
N GLU A 76 6.23 8.75 5.76
CA GLU A 76 6.47 7.41 5.40
CA GLU A 76 6.59 7.38 5.45
C GLU A 76 7.12 7.31 4.02
C GLU A 76 7.31 7.25 4.11
N LEU A 77 7.84 8.36 3.59
CA LEU A 77 8.46 8.35 2.26
C LEU A 77 9.53 7.25 2.07
N ASP A 78 10.27 6.92 3.12
CA ASP A 78 11.30 5.88 3.01
C ASP A 78 10.68 4.53 2.66
N MET A 79 9.50 4.25 3.23
CA MET A 79 8.79 3.01 2.92
C MET A 79 8.26 2.97 1.50
N HIS A 80 8.14 4.15 0.87
CA HIS A 80 7.75 4.19 -0.53
C HIS A 80 8.98 4.03 -1.44
N LEU A 81 10.01 4.81 -1.14
CA LEU A 81 11.20 4.86 -1.99
C LEU A 81 11.89 3.51 -2.15
N ILE A 82 11.88 2.68 -1.11
CA ILE A 82 12.59 1.41 -1.18
C ILE A 82 12.06 0.49 -2.31
N TYR A 83 10.77 0.55 -2.60
CA TYR A 83 10.21 -0.30 -3.64
C TYR A 83 10.64 0.16 -5.04
N TYR A 84 10.89 1.45 -5.19
CA TYR A 84 11.27 2.01 -6.49
C TYR A 84 12.77 1.88 -6.72
N ARG A 85 13.49 1.54 -5.66
CA ARG A 85 14.93 1.28 -5.77
C ARG A 85 15.25 -0.21 -5.89
N LYS A 86 14.57 -1.05 -5.11
CA LYS A 86 14.99 -2.45 -4.94
C LYS A 86 14.14 -3.49 -5.69
N ARG A 87 13.09 -3.03 -6.36
CA ARG A 87 12.34 -3.82 -7.33
C ARG A 87 12.18 -2.97 -8.58
N GLU A 88 11.70 -3.57 -9.66
CA GLU A 88 11.41 -2.80 -10.87
C GLU A 88 10.02 -3.09 -11.42
N ASP A 89 9.19 -3.76 -10.61
CA ASP A 89 7.87 -4.17 -11.08
C ASP A 89 6.74 -3.36 -10.44
N ILE A 90 7.09 -2.38 -9.63
CA ILE A 90 6.09 -1.58 -8.93
C ILE A 90 6.27 -0.10 -9.28
N ASN A 91 5.17 0.53 -9.73
CA ASN A 91 5.23 1.94 -10.11
C ASN A 91 4.25 2.80 -9.33
N ALA A 92 3.55 2.20 -8.38
CA ALA A 92 2.59 2.96 -7.56
C ALA A 92 2.35 2.17 -6.27
N LEU A 93 2.16 2.91 -5.16
CA LEU A 93 1.98 2.32 -3.84
C LEU A 93 0.83 2.98 -3.12
N VAL A 94 0.00 2.16 -2.48
CA VAL A 94 -1.10 2.68 -1.67
C VAL A 94 -0.91 2.14 -0.25
N HIS A 95 -0.70 3.02 0.72
CA HIS A 95 -0.57 2.62 2.13
C HIS A 95 -1.82 3.02 2.91
N THR A 96 -2.47 2.05 3.53
CA THR A 96 -3.76 2.29 4.16
C THR A 96 -3.71 2.01 5.66
N HIS A 97 -4.66 2.60 6.37
CA HIS A 97 -4.95 2.28 7.77
C HIS A 97 -6.37 1.72 7.83
N SER A 98 -6.61 0.61 7.15
CA SER A 98 -7.96 0.12 7.01
C SER A 98 -8.23 -0.91 8.12
N PRO A 99 -9.47 -0.95 8.62
CA PRO A 99 -9.72 -1.67 9.88
C PRO A 99 -9.52 -3.19 9.87
N TYR A 100 -9.94 -3.91 8.83
CA TYR A 100 -9.83 -5.36 8.92
C TYR A 100 -8.39 -5.82 8.68
N ALA A 101 -7.68 -5.17 7.76
CA ALA A 101 -6.26 -5.48 7.57
C ALA A 101 -5.46 -5.15 8.83
N LYS A 102 -5.76 -4.01 9.43
CA LYS A 102 -5.06 -3.63 10.65
C LYS A 102 -5.38 -4.60 11.80
N THR A 103 -6.59 -5.15 11.81
CA THR A 103 -6.95 -6.17 12.80
C THR A 103 -6.08 -7.41 12.66
N ILE A 104 -5.99 -7.94 11.45
CA ILE A 104 -5.18 -9.14 11.25
C ILE A 104 -3.71 -8.82 11.56
N ALA A 105 -3.26 -7.64 11.15
CA ALA A 105 -1.87 -7.24 11.39
C ALA A 105 -1.56 -7.08 12.88
N SER A 106 -2.55 -6.69 13.66
CA SER A 106 -2.32 -6.42 15.08
C SER A 106 -2.30 -7.72 15.90
N LEU A 107 -2.70 -8.82 15.28
CA LEU A 107 -2.54 -10.14 15.88
C LEU A 107 -1.19 -10.73 15.49
N GLY A 108 -0.56 -10.12 14.49
CA GLY A 108 0.70 -10.59 13.97
C GLY A 108 0.52 -11.75 13.02
N TRP A 109 -0.68 -11.89 12.48
CA TRP A 109 -1.01 -13.02 11.60
C TRP A 109 -0.83 -12.73 10.13
N GLU A 110 -0.48 -13.78 9.38
CA GLU A 110 -0.54 -13.71 7.92
C GLU A 110 -1.99 -13.78 7.48
N LEU A 111 -2.25 -13.34 6.25
CA LEU A 111 -3.57 -13.50 5.66
C LEU A 111 -3.48 -14.64 4.64
N PRO A 112 -4.15 -15.77 4.92
CA PRO A 112 -4.05 -16.96 4.06
C PRO A 112 -5.07 -16.92 2.94
N ALA A 113 -5.11 -17.99 2.14
CA ALA A 113 -5.91 -17.99 0.91
C ALA A 113 -7.39 -18.24 1.20
N VAL A 114 -8.03 -17.27 1.87
CA VAL A 114 -9.42 -17.44 2.29
C VAL A 114 -10.39 -17.17 1.14
N SER A 115 -9.89 -16.49 0.12
CA SER A 115 -10.69 -16.07 -1.01
C SER A 115 -9.85 -16.14 -2.26
N TYR A 116 -10.48 -16.35 -3.41
CA TYR A 116 -9.72 -16.29 -4.65
C TYR A 116 -9.16 -14.89 -4.89
N LEU A 117 -9.76 -13.87 -4.25
CA LEU A 117 -9.29 -12.49 -4.41
C LEU A 117 -7.90 -12.26 -3.81
N ILE A 118 -7.45 -13.17 -2.95
CA ILE A 118 -6.10 -13.06 -2.37
C ILE A 118 -5.04 -13.03 -3.47
N ALA A 119 -5.37 -13.64 -4.61
CA ALA A 119 -4.43 -13.71 -5.72
C ALA A 119 -4.06 -12.34 -6.32
N PHE A 120 -4.83 -11.30 -5.98
CA PHE A 120 -4.43 -9.93 -6.30
C PHE A 120 -3.08 -9.60 -5.67
N ALA A 121 -2.78 -10.19 -4.51
CA ALA A 121 -1.51 -9.96 -3.83
C ALA A 121 -0.49 -11.07 -4.08
N GLY A 122 -0.97 -12.31 -4.17
CA GLY A 122 -0.11 -13.48 -4.27
C GLY A 122 -0.82 -14.66 -3.63
N PRO A 123 -0.06 -15.70 -3.25
CA PRO A 123 -0.67 -16.88 -2.60
C PRO A 123 -1.14 -16.61 -1.17
N ASN A 124 -0.59 -15.56 -0.56
CA ASN A 124 -0.96 -15.14 0.79
C ASN A 124 -0.40 -13.73 1.00
N VAL A 125 -0.71 -13.12 2.13
CA VAL A 125 -0.10 -11.83 2.48
C VAL A 125 0.61 -11.97 3.83
N ARG A 126 1.90 -11.67 3.85
CA ARG A 126 2.67 -11.78 5.07
C ARG A 126 2.45 -10.59 5.99
N CYS A 127 2.80 -10.77 7.26
CA CYS A 127 2.75 -9.71 8.26
C CYS A 127 4.17 -9.35 8.66
N ALA A 128 4.58 -8.14 8.36
CA ALA A 128 5.89 -7.64 8.80
C ALA A 128 5.86 -7.27 10.27
N PRO A 129 6.85 -7.75 11.05
CA PRO A 129 6.84 -7.42 12.48
C PRO A 129 7.02 -5.91 12.73
N TYR A 130 6.56 -5.44 13.89
CA TYR A 130 6.46 -4.03 14.20
C TYR A 130 7.79 -3.27 14.08
N GLU A 131 7.72 -2.09 13.47
CA GLU A 131 8.80 -1.11 13.53
C GLU A 131 8.15 0.28 13.59
N THR A 132 8.83 1.22 14.23
CA THR A 132 8.29 2.57 14.42
C THR A 132 7.94 3.25 13.11
N PHE A 133 6.77 3.86 13.04
CA PHE A 133 6.35 4.57 11.85
C PHE A 133 7.38 5.64 11.44
N GLY A 134 7.51 5.83 10.13
CA GLY A 134 8.35 6.88 9.59
C GLY A 134 9.84 6.62 9.69
N THR A 135 10.24 5.37 9.91
CA THR A 135 11.65 5.01 10.01
C THR A 135 12.14 4.15 8.85
N LYS A 136 13.45 4.06 8.69
CA LYS A 136 14.05 3.17 7.71
C LYS A 136 13.88 1.71 8.11
N GLN A 137 13.80 1.45 9.41
CA GLN A 137 13.55 0.11 9.89
C GLN A 137 12.18 -0.40 9.40
N LEU A 138 11.17 0.47 9.41
CA LEU A 138 9.85 0.06 8.91
C LEU A 138 9.92 -0.17 7.39
N ALA A 139 10.64 0.71 6.69
CA ALA A 139 10.78 0.58 5.25
C ALA A 139 11.38 -0.77 4.87
N ASP A 140 12.45 -1.16 5.56
CA ASP A 140 13.07 -2.45 5.34
C ASP A 140 12.13 -3.61 5.68
N ALA A 141 11.42 -3.52 6.79
CA ALA A 141 10.52 -4.61 7.18
C ALA A 141 9.40 -4.79 6.18
N ALA A 142 8.80 -3.68 5.77
CA ALA A 142 7.75 -3.70 4.76
C ALA A 142 8.22 -4.33 3.46
N PHE A 143 9.34 -3.86 2.93
CA PHE A 143 9.88 -4.42 1.70
C PHE A 143 10.12 -5.93 1.83
N GLU A 144 10.81 -6.34 2.90
CA GLU A 144 11.16 -7.75 3.06
C GLU A 144 9.90 -8.61 3.19
N GLY A 145 8.91 -8.10 3.89
CA GLY A 145 7.65 -8.83 4.04
C GLY A 145 6.88 -8.97 2.74
N MET A 146 7.16 -8.09 1.77
CA MET A 146 6.41 -8.04 0.53
C MET A 146 7.18 -8.69 -0.64
N ILE A 147 8.31 -9.33 -0.36
CA ILE A 147 9.07 -9.96 -1.45
C ILE A 147 8.18 -10.95 -2.22
N ASP A 148 8.14 -10.81 -3.54
CA ASP A 148 7.36 -11.69 -4.42
C ASP A 148 5.87 -11.62 -4.09
N ARG A 149 5.43 -10.45 -3.61
CA ARG A 149 4.00 -10.17 -3.35
C ARG A 149 3.66 -8.75 -3.79
N ARG A 150 2.37 -8.44 -3.90
CA ARG A 150 1.95 -7.07 -4.18
C ARG A 150 1.31 -6.38 -2.98
N ALA A 151 1.35 -7.02 -1.81
CA ALA A 151 0.87 -6.38 -0.60
C ALA A 151 1.53 -7.00 0.62
N VAL A 152 1.56 -6.25 1.71
CA VAL A 152 2.09 -6.76 2.97
C VAL A 152 1.32 -6.10 4.13
N LEU A 153 1.09 -6.85 5.21
CA LEU A 153 0.52 -6.29 6.43
C LEU A 153 1.62 -5.72 7.30
N LEU A 154 1.35 -4.61 7.99
CA LEU A 154 2.31 -3.98 8.89
C LEU A 154 1.79 -4.08 10.31
N ALA A 155 2.51 -4.82 11.15
CA ALA A 155 2.03 -5.15 12.50
C ALA A 155 1.59 -3.90 13.25
N ASN A 156 0.38 -3.95 13.80
CA ASN A 156 -0.18 -2.87 14.61
C ASN A 156 -0.23 -1.53 13.88
N HIS A 157 -0.39 -1.58 12.56
CA HIS A 157 -0.29 -0.35 11.78
C HIS A 157 -1.26 -0.33 10.59
N GLY A 158 -1.10 -1.23 9.63
CA GLY A 158 -1.97 -1.21 8.46
C GLY A 158 -1.48 -2.12 7.34
N LEU A 159 -1.54 -1.61 6.12
CA LEU A 159 -1.25 -2.41 4.92
C LEU A 159 -0.56 -1.54 3.89
N ILE A 160 0.31 -2.11 3.07
CA ILE A 160 0.73 -1.36 1.88
C ILE A 160 0.64 -2.29 0.67
N ALA A 161 0.21 -1.75 -0.47
CA ALA A 161 0.00 -2.51 -1.70
C ALA A 161 0.70 -1.77 -2.83
N GLY A 162 1.26 -2.53 -3.76
CA GLY A 162 1.97 -1.95 -4.89
C GLY A 162 1.62 -2.67 -6.17
N ALA A 163 1.70 -1.98 -7.30
CA ALA A 163 1.41 -2.64 -8.57
C ALA A 163 2.01 -1.83 -9.70
N ASN A 164 1.77 -2.26 -10.94
CA ASN A 164 2.36 -1.59 -12.10
C ASN A 164 1.80 -0.19 -12.35
N ASN A 165 0.59 0.09 -11.85
CA ASN A 165 0.05 1.43 -11.95
C ASN A 165 -0.87 1.72 -10.77
N ILE A 166 -1.32 2.97 -10.64
CA ILE A 166 -2.07 3.39 -9.46
C ILE A 166 -3.45 2.74 -9.40
N LYS A 167 -4.08 2.51 -10.55
CA LYS A 167 -5.38 1.85 -10.57
C LYS A 167 -5.30 0.44 -9.99
N MET A 168 -4.28 -0.31 -10.39
CA MET A 168 -4.13 -1.67 -9.88
C MET A 168 -3.64 -1.68 -8.43
N ALA A 169 -2.82 -0.71 -8.06
CA ALA A 169 -2.35 -0.66 -6.69
C ALA A 169 -3.52 -0.43 -5.72
N PHE A 170 -4.44 0.46 -6.10
CA PHE A 170 -5.60 0.75 -5.26
C PHE A 170 -6.49 -0.48 -5.18
N THR A 171 -6.66 -1.15 -6.31
CA THR A 171 -7.45 -2.38 -6.37
C THR A 171 -6.88 -3.42 -5.43
N VAL A 172 -5.56 -3.59 -5.44
CA VAL A 172 -4.97 -4.57 -4.50
C VAL A 172 -5.27 -4.18 -3.05
N ALA A 173 -5.09 -2.90 -2.72
CA ALA A 173 -5.36 -2.43 -1.36
C ALA A 173 -6.82 -2.69 -0.97
N GLU A 174 -7.75 -2.37 -1.86
CA GLU A 174 -9.18 -2.53 -1.54
C GLU A 174 -9.56 -4.00 -1.46
N GLU A 175 -9.06 -4.83 -2.37
CA GLU A 175 -9.50 -6.21 -2.37
C GLU A 175 -8.85 -6.97 -1.22
N ILE A 176 -7.64 -6.57 -0.82
CA ILE A 176 -6.99 -7.27 0.29
C ILE A 176 -7.64 -6.86 1.61
N GLU A 177 -8.09 -5.61 1.74
CA GLU A 177 -8.87 -5.22 2.91
C GLU A 177 -10.14 -6.05 3.01
N PHE A 178 -10.79 -6.29 1.87
CA PHE A 178 -12.01 -7.09 1.85
C PHE A 178 -11.72 -8.53 2.26
N CYS A 179 -10.64 -9.11 1.72
CA CYS A 179 -10.20 -10.43 2.15
C CYS A 179 -9.92 -10.51 3.64
N ALA A 180 -9.30 -9.47 4.19
CA ALA A 180 -9.07 -9.42 5.64
C ALA A 180 -10.39 -9.37 6.42
N GLN A 181 -11.39 -8.66 5.91
CA GLN A 181 -12.71 -8.69 6.54
C GLN A 181 -13.28 -10.11 6.57
N ILE A 182 -13.22 -10.80 5.44
CA ILE A 182 -13.70 -12.19 5.39
C ILE A 182 -12.94 -13.08 6.35
N TYR A 183 -11.61 -12.93 6.41
CA TYR A 183 -10.83 -13.76 7.32
C TYR A 183 -11.21 -13.48 8.76
N TYR A 184 -11.28 -12.20 9.13
CA TYR A 184 -11.68 -11.81 10.47
C TYR A 184 -13.06 -12.38 10.84
N GLN A 185 -14.03 -12.28 9.93
CA GLN A 185 -15.39 -12.70 10.26
C GLN A 185 -15.48 -14.22 10.33
N THR A 186 -14.80 -14.92 9.42
CA THR A 186 -14.85 -16.38 9.49
C THR A 186 -14.20 -16.88 10.77
N LYS A 187 -13.07 -16.27 11.15
CA LYS A 187 -12.36 -16.73 12.36
C LYS A 187 -13.15 -16.44 13.63
N SER A 188 -14.07 -15.49 13.54
CA SER A 188 -14.95 -15.14 14.65
C SER A 188 -15.89 -16.28 15.00
N ILE A 189 -16.25 -17.08 14.01
CA ILE A 189 -17.27 -18.09 14.26
C ILE A 189 -16.86 -19.52 13.90
N GLY A 190 -15.68 -19.70 13.34
CA GLY A 190 -15.25 -21.03 12.96
C GLY A 190 -13.88 -21.03 12.33
N GLU A 191 -13.63 -22.02 11.47
CA GLU A 191 -12.36 -22.13 10.79
C GLU A 191 -12.61 -22.09 9.30
N PRO A 192 -12.13 -21.03 8.63
CA PRO A 192 -12.45 -20.94 7.20
C PRO A 192 -11.77 -22.06 6.41
N LYS A 193 -12.41 -22.44 5.31
CA LYS A 193 -11.80 -23.30 4.30
C LYS A 193 -10.81 -22.44 3.53
N LEU A 194 -9.64 -23.00 3.20
CA LEU A 194 -8.63 -22.27 2.46
C LEU A 194 -8.39 -22.89 1.09
N LEU A 195 -8.05 -22.07 0.12
CA LEU A 195 -7.71 -22.57 -1.20
C LEU A 195 -6.29 -23.16 -1.22
N PRO A 196 -6.12 -24.30 -1.91
CA PRO A 196 -4.81 -24.98 -1.97
C PRO A 196 -3.79 -24.20 -2.81
N GLU A 197 -2.51 -24.51 -2.63
CA GLU A 197 -1.47 -23.69 -3.24
C GLU A 197 -1.45 -23.81 -4.75
N ASP A 198 -1.81 -24.98 -5.29
CA ASP A 198 -1.81 -25.14 -6.74
C ASP A 198 -2.92 -24.30 -7.36
N GLU A 199 -4.01 -24.12 -6.64
CA GLU A 199 -5.11 -23.30 -7.15
C GLU A 199 -4.72 -21.82 -7.11
N MET A 200 -4.00 -21.42 -6.08
CA MET A 200 -3.52 -20.04 -6.01
C MET A 200 -2.54 -19.79 -7.15
N GLU A 201 -1.79 -20.83 -7.53
CA GLU A 201 -0.89 -20.74 -8.67
C GLU A 201 -1.70 -20.54 -9.95
N ASN A 202 -2.69 -21.39 -10.14
CA ASN A 202 -3.67 -21.29 -11.22
C ASN A 202 -4.32 -19.90 -11.30
N LEU A 203 -4.79 -19.39 -10.15
CA LEU A 203 -5.42 -18.08 -10.10
C LEU A 203 -4.46 -16.94 -10.44
N ALA A 204 -3.18 -17.12 -10.10
CA ALA A 204 -2.18 -16.11 -10.44
C ALA A 204 -2.13 -15.96 -11.96
N LYS A 205 -2.27 -17.06 -12.67
CA LYS A 205 -2.25 -17.03 -14.13
C LYS A 205 -3.51 -16.34 -14.67
N LYS A 206 -4.67 -16.80 -14.20
CA LYS A 206 -5.96 -16.30 -14.68
C LYS A 206 -6.18 -14.81 -14.43
N PHE A 207 -5.59 -14.29 -13.37
CA PHE A 207 -5.70 -12.86 -13.07
C PHE A 207 -4.86 -12.04 -14.04
#